data_6LXC
#
_entry.id   6LXC
#
_cell.length_a   44.688
_cell.length_b   62.484
_cell.length_c   53.481
_cell.angle_alpha   90.000
_cell.angle_beta   106.320
_cell.angle_gamma   90.000
#
_symmetry.space_group_name_H-M   'P 1 21 1'
#
loop_
_entity.id
_entity.type
_entity.pdbx_description
1 polymer 'Peroxisome proliferator-activated receptor alpha'
2 non-polymer '(2S)-2-ethoxy-3-[4-[2-[2-methyl-5-(4-methylsulfanylphenyl)pyrrol-1-yl]ethoxy]phenyl]propanoic acid'
3 water water
#
_entity_poly.entity_id   1
_entity_poly.type   'polypeptide(L)'
_entity_poly.pdbx_seq_one_letter_code
;GSHMTADLKSLAKRIYEAYLKNFNMNKVKARVILSGKASNNPPFVIHDMETLCMAEKTLVAKLVANGIQNKEAEVRIFHC
CQCTSVETVTELTEFAKAIPGFANLDLNDQVTLLKYGVYEAIFAMLSSVMNKDGMLVAYGNGFITREFLKSLRKPFCDIM
EPKFDFAMKFNALELDDSDISLFVAAIICCGDRPGLLNVGHIEKMQEGIVHVLRLHLQSNHPDDIFLFPKLLQKMADLRQ
LVTEHAQLVQIIKKTESDAALHPLLQEIYRDMY
;
_entity_poly.pdbx_strand_id   A
#
# COMPACT_ATOMS: atom_id res chain seq x y z
N MET A 4 27.08 8.26 -3.51
CA MET A 4 26.47 8.12 -2.19
C MET A 4 27.50 7.75 -1.14
N THR A 5 27.48 8.45 -0.01
CA THR A 5 28.35 8.10 1.10
C THR A 5 28.03 6.70 1.61
N ALA A 6 29.05 6.01 2.11
CA ALA A 6 28.86 4.65 2.61
C ALA A 6 27.72 4.59 3.62
N ASP A 7 27.58 5.62 4.45
CA ASP A 7 26.48 5.65 5.42
C ASP A 7 25.14 5.68 4.70
N LEU A 8 24.98 6.56 3.72
CA LEU A 8 23.73 6.62 2.97
C LEU A 8 23.49 5.33 2.21
N LYS A 9 24.48 4.90 1.42
CA LYS A 9 24.38 3.63 0.72
C LYS A 9 24.00 2.50 1.68
N SER A 10 24.58 2.50 2.87
CA SER A 10 24.24 1.49 3.86
C SER A 10 22.82 1.68 4.38
N LEU A 11 22.41 2.92 4.61
CA LEU A 11 21.05 3.17 5.08
C LEU A 11 20.01 2.69 4.07
N ALA A 12 20.27 2.89 2.77
CA ALA A 12 19.37 2.37 1.76
C ALA A 12 19.22 0.85 1.88
N LYS A 13 20.33 0.14 2.08
CA LYS A 13 20.26 -1.31 2.27
C LYS A 13 19.48 -1.66 3.54
N ARG A 14 19.73 -0.93 4.63
CA ARG A 14 18.96 -1.12 5.86
C ARG A 14 17.46 -1.08 5.57
N ILE A 15 17.00 -0.02 4.91
CA ILE A 15 15.58 0.11 4.58
C ILE A 15 15.13 -1.07 3.72
N TYR A 16 15.87 -1.34 2.65
CA TYR A 16 15.57 -2.45 1.75
C TYR A 16 15.41 -3.77 2.49
N GLU A 17 16.38 -4.09 3.36
N GLU A 17 16.37 -4.09 3.36
CA GLU A 17 16.33 -5.36 4.07
CA GLU A 17 16.32 -5.38 4.06
C GLU A 17 15.13 -5.43 5.02
C GLU A 17 15.17 -5.44 5.06
N ALA A 18 14.78 -4.30 5.65
CA ALA A 18 13.64 -4.28 6.55
C ALA A 18 12.33 -4.46 5.79
N TYR A 19 12.30 -4.00 4.54
CA TYR A 19 11.13 -4.14 3.69
C TYR A 19 10.97 -5.59 3.23
N LEU A 20 12.06 -6.21 2.76
CA LEU A 20 12.02 -7.61 2.40
C LEU A 20 11.65 -8.48 3.59
N LYS A 21 12.08 -8.08 4.79
CA LYS A 21 11.85 -8.90 5.97
C LYS A 21 10.41 -8.82 6.47
N ASN A 22 9.79 -7.64 6.41
CA ASN A 22 8.52 -7.43 7.11
C ASN A 22 7.29 -7.58 6.24
N PHE A 23 7.39 -7.45 4.92
CA PHE A 23 6.21 -7.42 4.07
C PHE A 23 5.99 -8.78 3.42
N ASN A 24 4.76 -9.29 3.56
CA ASN A 24 4.43 -10.63 3.10
C ASN A 24 4.72 -10.82 1.61
N MET A 25 4.37 -9.84 0.79
CA MET A 25 4.60 -9.92 -0.64
C MET A 25 5.60 -8.84 -1.05
N ASN A 26 6.33 -9.10 -2.14
CA ASN A 26 7.23 -8.11 -2.72
C ASN A 26 7.26 -8.32 -4.22
N LYS A 27 7.81 -7.34 -4.93
CA LYS A 27 7.67 -7.31 -6.38
C LYS A 27 8.35 -8.49 -7.05
N VAL A 28 9.56 -8.84 -6.60
CA VAL A 28 10.27 -9.98 -7.18
C VAL A 28 9.40 -11.23 -7.14
N LYS A 29 8.89 -11.57 -5.95
CA LYS A 29 8.10 -12.80 -5.81
C LYS A 29 6.78 -12.70 -6.57
N ALA A 30 6.13 -11.55 -6.52
CA ALA A 30 4.87 -11.38 -7.26
C ALA A 30 5.09 -11.63 -8.75
N ARG A 31 6.14 -11.03 -9.32
CA ARG A 31 6.41 -11.23 -10.74
C ARG A 31 6.66 -12.70 -11.06
N VAL A 32 7.37 -13.41 -10.17
CA VAL A 32 7.62 -14.84 -10.39
C VAL A 32 6.30 -15.59 -10.49
N ILE A 33 5.39 -15.38 -9.52
CA ILE A 33 4.08 -16.02 -9.56
C ILE A 33 3.31 -15.60 -10.79
N LEU A 34 3.28 -14.29 -11.07
CA LEU A 34 2.52 -13.80 -12.21
C LEU A 34 3.10 -14.26 -13.54
N SER A 35 4.40 -14.53 -13.60
CA SER A 35 5.02 -14.93 -14.86
C SER A 35 4.50 -16.27 -15.37
N GLY A 36 3.89 -17.06 -14.50
CA GLY A 36 3.40 -18.38 -14.88
C GLY A 36 4.42 -19.48 -14.60
N PRO A 42 0.51 -22.21 -8.88
CA PRO A 42 -0.22 -21.62 -10.01
C PRO A 42 -1.56 -21.02 -9.56
N PRO A 43 -1.63 -19.69 -9.47
CA PRO A 43 -2.73 -19.06 -8.74
C PRO A 43 -4.10 -19.43 -9.31
N PHE A 44 -5.03 -19.75 -8.42
CA PHE A 44 -6.41 -19.99 -8.80
C PHE A 44 -7.06 -18.70 -9.27
N VAL A 45 -7.64 -18.72 -10.46
CA VAL A 45 -8.16 -17.51 -11.08
C VAL A 45 -9.61 -17.30 -10.64
N ILE A 46 -9.89 -16.13 -10.07
CA ILE A 46 -11.23 -15.69 -9.71
C ILE A 46 -11.66 -14.69 -10.77
N HIS A 47 -12.54 -15.12 -11.67
CA HIS A 47 -12.99 -14.30 -12.79
C HIS A 47 -14.50 -14.19 -12.89
N ASP A 48 -15.26 -14.86 -12.04
CA ASP A 48 -16.72 -14.80 -12.08
C ASP A 48 -17.24 -15.29 -10.74
N MET A 49 -18.57 -15.24 -10.59
CA MET A 49 -19.19 -15.62 -9.32
C MET A 49 -18.88 -17.07 -8.96
N GLU A 50 -18.82 -17.95 -9.97
CA GLU A 50 -18.58 -19.37 -9.70
C GLU A 50 -17.20 -19.58 -9.09
N THR A 51 -16.17 -18.98 -9.70
CA THR A 51 -14.81 -19.17 -9.21
C THR A 51 -14.59 -18.48 -7.88
N LEU A 52 -15.25 -17.34 -7.64
CA LEU A 52 -15.17 -16.71 -6.33
C LEU A 52 -15.68 -17.66 -5.25
N CYS A 53 -16.88 -18.21 -5.46
CA CYS A 53 -17.46 -19.12 -4.47
C CYS A 53 -16.62 -20.37 -4.29
N MET A 54 -16.08 -20.93 -5.39
CA MET A 54 -15.15 -22.04 -5.25
C MET A 54 -13.98 -21.66 -4.35
N ALA A 55 -13.41 -20.47 -4.57
CA ALA A 55 -12.26 -20.04 -3.77
C ALA A 55 -12.65 -19.86 -2.30
N GLU A 56 -13.82 -19.27 -2.03
CA GLU A 56 -14.29 -19.14 -0.66
C GLU A 56 -14.47 -20.50 0.00
N LYS A 57 -15.19 -21.41 -0.67
CA LYS A 57 -15.43 -22.72 -0.10
C LYS A 57 -14.15 -23.46 0.26
N THR A 58 -13.00 -22.99 -0.22
CA THR A 58 -11.72 -23.53 0.23
C THR A 58 -11.45 -23.22 1.70
N LEU A 59 -11.94 -22.08 2.18
CA LEU A 59 -11.69 -21.63 3.55
C LEU A 59 -12.84 -21.92 4.50
N VAL A 60 -14.08 -21.95 4.01
CA VAL A 60 -15.25 -22.16 4.85
C VAL A 60 -16.08 -23.28 4.26
N ALA A 61 -15.68 -24.53 4.53
CA ALA A 61 -16.40 -25.68 4.01
C ALA A 61 -17.57 -26.06 4.92
N ASN A 70 -23.91 -16.63 2.74
CA ASN A 70 -25.01 -15.90 3.38
C ASN A 70 -24.97 -14.42 2.98
N LYS A 71 -23.85 -13.76 3.28
CA LYS A 71 -23.68 -12.38 2.88
C LYS A 71 -23.39 -12.28 1.38
N GLU A 72 -23.76 -11.15 0.80
CA GLU A 72 -23.52 -10.92 -0.62
C GLU A 72 -22.04 -11.10 -0.95
N ALA A 73 -21.78 -11.52 -2.19
CA ALA A 73 -20.39 -11.65 -2.64
C ALA A 73 -19.64 -10.33 -2.50
N GLU A 74 -20.25 -9.22 -2.89
CA GLU A 74 -19.60 -7.93 -2.76
C GLU A 74 -19.14 -7.67 -1.34
N VAL A 75 -19.94 -8.09 -0.36
CA VAL A 75 -19.60 -7.85 1.04
C VAL A 75 -18.50 -8.79 1.51
N ARG A 76 -18.52 -10.05 1.07
CA ARG A 76 -17.40 -10.94 1.36
C ARG A 76 -16.08 -10.34 0.88
N ILE A 77 -16.08 -9.82 -0.36
CA ILE A 77 -14.88 -9.19 -0.91
C ILE A 77 -14.49 -7.99 -0.06
N PHE A 78 -15.46 -7.14 0.28
CA PHE A 78 -15.21 -5.98 1.13
C PHE A 78 -14.46 -6.37 2.40
N HIS A 79 -14.77 -7.55 2.97
CA HIS A 79 -14.16 -7.95 4.23
C HIS A 79 -12.80 -8.62 4.02
N CYS A 80 -12.61 -9.35 2.92
CA CYS A 80 -11.29 -9.90 2.62
C CYS A 80 -10.24 -8.80 2.46
N CYS A 81 -10.61 -7.72 1.76
CA CYS A 81 -9.68 -6.62 1.59
C CYS A 81 -9.23 -6.06 2.94
N GLN A 82 -10.16 -5.97 3.89
CA GLN A 82 -9.81 -5.43 5.21
C GLN A 82 -8.76 -6.29 5.91
N CYS A 83 -8.84 -7.61 5.72
N CYS A 83 -8.86 -7.61 5.76
CA CYS A 83 -7.86 -8.48 6.37
CA CYS A 83 -7.86 -8.49 6.35
C CYS A 83 -6.45 -8.24 5.82
C CYS A 83 -6.47 -8.14 5.84
N THR A 84 -6.34 -7.92 4.53
CA THR A 84 -5.05 -7.54 3.97
C THR A 84 -4.56 -6.21 4.55
N SER A 85 -5.48 -5.28 4.80
CA SER A 85 -5.11 -3.99 5.38
C SER A 85 -4.56 -4.16 6.80
N VAL A 86 -5.29 -4.89 7.65
CA VAL A 86 -4.86 -5.11 9.03
C VAL A 86 -3.46 -5.71 9.04
N GLU A 87 -3.23 -6.74 8.22
CA GLU A 87 -1.92 -7.38 8.20
C GLU A 87 -0.83 -6.41 7.78
N THR A 88 -1.08 -5.61 6.74
CA THR A 88 -0.07 -4.67 6.28
C THR A 88 0.18 -3.58 7.31
N VAL A 89 -0.84 -3.18 8.06
CA VAL A 89 -0.67 -2.22 9.14
C VAL A 89 0.37 -2.72 10.13
N THR A 90 0.24 -3.97 10.56
CA THR A 90 1.20 -4.54 11.50
C THR A 90 2.60 -4.56 10.88
N GLU A 91 2.70 -5.00 9.63
CA GLU A 91 4.01 -5.08 8.98
C GLU A 91 4.63 -3.70 8.82
N LEU A 92 3.83 -2.69 8.48
CA LEU A 92 4.37 -1.34 8.30
C LEU A 92 4.89 -0.78 9.62
N THR A 93 4.20 -1.07 10.73
CA THR A 93 4.63 -0.58 12.02
C THR A 93 6.02 -1.09 12.36
N GLU A 94 6.29 -2.37 12.08
CA GLU A 94 7.61 -2.91 12.33
C GLU A 94 8.63 -2.37 11.35
N PHE A 95 8.25 -2.28 10.06
CA PHE A 95 9.12 -1.68 9.05
C PHE A 95 9.60 -0.30 9.49
N ALA A 96 8.69 0.52 10.05
CA ALA A 96 9.01 1.91 10.33
C ALA A 96 10.19 2.06 11.29
N LYS A 97 10.47 1.04 12.10
CA LYS A 97 11.56 1.13 13.05
C LYS A 97 12.92 1.28 12.37
N ALA A 98 13.04 0.89 11.11
CA ALA A 98 14.30 0.99 10.39
C ALA A 98 14.58 2.41 9.88
N ILE A 99 13.60 3.30 9.95
CA ILE A 99 13.78 4.68 9.48
C ILE A 99 14.57 5.45 10.54
N PRO A 100 15.77 5.93 10.23
CA PRO A 100 16.55 6.66 11.24
C PRO A 100 15.77 7.81 11.86
N GLY A 101 15.52 7.72 13.16
CA GLY A 101 14.82 8.75 13.91
C GLY A 101 13.42 8.37 14.33
N PHE A 102 12.76 7.49 13.56
CA PHE A 102 11.36 7.20 13.82
C PHE A 102 11.16 6.65 15.23
N ALA A 103 11.89 5.60 15.60
CA ALA A 103 11.75 5.03 16.93
C ALA A 103 12.13 6.03 18.02
N ASN A 104 12.91 7.06 17.69
CA ASN A 104 13.26 8.10 18.65
C ASN A 104 12.18 9.18 18.75
N LEU A 105 11.15 9.13 17.92
CA LEU A 105 10.10 10.13 17.96
C LEU A 105 9.19 9.91 19.16
N ASP A 106 8.47 10.98 19.52
CA ASP A 106 7.39 10.86 20.49
C ASP A 106 6.42 9.77 20.06
N LEU A 107 5.93 9.00 21.04
CA LEU A 107 5.05 7.88 20.73
C LEU A 107 3.81 8.31 19.96
N ASN A 108 3.22 9.45 20.33
CA ASN A 108 2.03 9.93 19.63
C ASN A 108 2.35 10.30 18.19
N ASP A 109 3.54 10.85 17.94
CA ASP A 109 3.93 11.19 16.57
C ASP A 109 4.13 9.94 15.72
N GLN A 110 4.67 8.87 16.31
CA GLN A 110 4.73 7.60 15.61
C GLN A 110 3.34 7.17 15.16
N VAL A 111 2.38 7.20 16.09
CA VAL A 111 1.01 6.80 15.77
C VAL A 111 0.45 7.71 14.68
N THR A 112 0.70 9.01 14.77
CA THR A 112 0.17 9.93 13.77
C THR A 112 0.77 9.68 12.39
N LEU A 113 2.08 9.47 12.32
CA LEU A 113 2.71 9.26 11.02
C LEU A 113 2.22 7.97 10.36
N LEU A 114 2.01 6.92 11.17
CA LEU A 114 1.53 5.65 10.62
C LEU A 114 0.06 5.72 10.27
N LYS A 115 -0.74 6.41 11.09
CA LYS A 115 -2.16 6.58 10.81
C LYS A 115 -2.39 7.17 9.42
N TYR A 116 -1.66 8.23 9.08
CA TYR A 116 -1.85 8.88 7.79
C TYR A 116 -1.08 8.19 6.67
N GLY A 117 -0.01 7.49 7.00
CA GLY A 117 0.81 6.90 5.96
C GLY A 117 0.40 5.52 5.49
N VAL A 118 -0.28 4.74 6.35
CA VAL A 118 -0.41 3.31 6.08
C VAL A 118 -1.17 3.06 4.78
N TYR A 119 -2.26 3.79 4.55
CA TYR A 119 -3.05 3.52 3.35
C TYR A 119 -2.34 4.00 2.08
N GLU A 120 -1.59 5.10 2.18
CA GLU A 120 -0.76 5.49 1.04
C GLU A 120 0.25 4.39 0.71
N ALA A 121 0.92 3.86 1.73
CA ALA A 121 1.86 2.76 1.54
C ALA A 121 1.15 1.52 1.01
N ILE A 122 -0.03 1.21 1.55
CA ILE A 122 -0.76 0.02 1.11
C ILE A 122 -1.00 0.07 -0.40
N PHE A 123 -1.58 1.16 -0.90
CA PHE A 123 -1.90 1.23 -2.32
C PHE A 123 -0.64 1.32 -3.18
N ALA A 124 0.43 1.91 -2.65
CA ALA A 124 1.70 1.90 -3.37
C ALA A 124 2.21 0.48 -3.54
N MET A 125 2.16 -0.32 -2.47
CA MET A 125 2.70 -1.67 -2.54
C MET A 125 1.77 -2.65 -3.25
N LEU A 126 0.45 -2.42 -3.20
CA LEU A 126 -0.46 -3.30 -3.94
C LEU A 126 -0.18 -3.27 -5.43
N SER A 127 0.34 -2.16 -5.95
CA SER A 127 0.68 -2.10 -7.37
C SER A 127 1.62 -3.23 -7.76
N SER A 128 2.51 -3.62 -6.86
CA SER A 128 3.47 -4.68 -7.15
C SER A 128 2.79 -6.01 -7.47
N VAL A 129 1.57 -6.23 -7.01
CA VAL A 129 0.86 -7.48 -7.29
C VAL A 129 -0.24 -7.29 -8.31
N MET A 130 -0.27 -6.15 -8.99
CA MET A 130 -1.30 -5.85 -9.98
C MET A 130 -0.67 -5.76 -11.36
N ASN A 131 -1.36 -6.33 -12.35
CA ASN A 131 -1.09 -6.05 -13.76
C ASN A 131 -2.40 -5.61 -14.40
N LYS A 132 -2.37 -5.39 -15.72
CA LYS A 132 -3.54 -4.83 -16.40
C LYS A 132 -4.75 -5.75 -16.37
N ASP A 133 -4.57 -7.04 -16.03
CA ASP A 133 -5.68 -8.00 -16.06
C ASP A 133 -6.24 -8.36 -14.70
N GLY A 134 -5.52 -8.08 -13.61
CA GLY A 134 -5.98 -8.45 -12.29
C GLY A 134 -4.87 -8.30 -11.27
N MET A 135 -5.03 -8.97 -10.14
CA MET A 135 -4.02 -8.87 -9.09
C MET A 135 -3.95 -10.15 -8.28
N LEU A 136 -2.77 -10.40 -7.73
CA LEU A 136 -2.58 -11.52 -6.81
C LEU A 136 -3.27 -11.23 -5.48
N VAL A 137 -3.91 -12.26 -4.91
CA VAL A 137 -4.56 -12.16 -3.63
C VAL A 137 -4.28 -13.43 -2.83
N ALA A 138 -4.68 -13.41 -1.56
CA ALA A 138 -4.62 -14.58 -0.70
C ALA A 138 -3.21 -15.18 -0.67
N TYR A 139 -2.23 -14.32 -0.39
CA TYR A 139 -0.86 -14.76 -0.12
C TYR A 139 -0.26 -15.45 -1.33
N GLY A 140 -0.61 -14.94 -2.53
CA GLY A 140 -0.10 -15.47 -3.77
C GLY A 140 -0.85 -16.66 -4.33
N ASN A 141 -1.93 -17.09 -3.68
CA ASN A 141 -2.66 -18.30 -4.09
C ASN A 141 -3.84 -18.02 -5.00
N GLY A 142 -4.21 -16.76 -5.20
CA GLY A 142 -5.33 -16.44 -6.06
C GLY A 142 -4.99 -15.24 -6.94
N PHE A 143 -5.67 -15.20 -8.09
CA PHE A 143 -5.59 -14.07 -9.01
C PHE A 143 -7.02 -13.66 -9.34
N ILE A 144 -7.41 -12.45 -8.95
CA ILE A 144 -8.76 -11.94 -9.17
C ILE A 144 -8.73 -10.94 -10.31
N THR A 145 -9.61 -11.13 -11.29
CA THR A 145 -9.51 -10.36 -12.52
C THR A 145 -10.06 -8.94 -12.32
N ARG A 146 -9.44 -8.00 -13.03
CA ARG A 146 -9.91 -6.62 -13.00
C ARG A 146 -11.35 -6.51 -13.50
N GLU A 147 -11.68 -7.28 -14.54
CA GLU A 147 -13.05 -7.20 -15.07
C GLU A 147 -14.06 -7.75 -14.08
N PHE A 148 -13.70 -8.79 -13.32
CA PHE A 148 -14.64 -9.30 -12.33
C PHE A 148 -14.95 -8.24 -11.29
N LEU A 149 -13.93 -7.52 -10.81
CA LEU A 149 -14.15 -6.45 -9.85
C LEU A 149 -15.00 -5.33 -10.46
N LYS A 150 -14.82 -5.05 -11.74
CA LYS A 150 -15.67 -4.07 -12.39
C LYS A 150 -17.12 -4.53 -12.48
N SER A 151 -17.36 -5.85 -12.44
CA SER A 151 -18.71 -6.38 -12.61
C SER A 151 -19.51 -6.36 -11.32
N LEU A 152 -18.88 -6.11 -10.17
CA LEU A 152 -19.61 -6.10 -8.91
C LEU A 152 -20.65 -4.99 -8.92
N ARG A 153 -21.68 -5.15 -8.10
CA ARG A 153 -22.73 -4.15 -8.04
C ARG A 153 -22.20 -2.88 -7.37
N LYS A 154 -22.72 -1.74 -7.81
CA LYS A 154 -22.32 -0.48 -7.21
C LYS A 154 -22.72 -0.46 -5.72
N PRO A 155 -21.94 0.22 -4.88
CA PRO A 155 -20.72 0.95 -5.23
C PRO A 155 -19.44 0.12 -5.09
N PHE A 156 -19.56 -1.20 -4.97
CA PHE A 156 -18.38 -2.03 -4.75
C PHE A 156 -17.50 -2.12 -6.00
N CYS A 157 -18.11 -2.02 -7.18
CA CYS A 157 -17.34 -2.00 -8.42
C CYS A 157 -16.47 -0.75 -8.57
N ASP A 158 -16.66 0.26 -7.72
CA ASP A 158 -15.88 1.50 -7.78
C ASP A 158 -14.70 1.50 -6.82
N ILE A 159 -14.47 0.40 -6.10
CA ILE A 159 -13.38 0.37 -5.12
C ILE A 159 -12.03 0.28 -5.82
N MET A 160 -11.86 -0.72 -6.69
CA MET A 160 -10.51 -1.08 -7.14
C MET A 160 -10.08 -0.42 -8.44
N GLU A 161 -11.00 -0.07 -9.34
CA GLU A 161 -10.60 0.49 -10.62
C GLU A 161 -9.69 1.71 -10.47
N PRO A 162 -9.91 2.64 -9.54
CA PRO A 162 -8.94 3.73 -9.37
C PRO A 162 -7.58 3.24 -8.88
N LYS A 163 -7.54 2.13 -8.15
CA LYS A 163 -6.26 1.55 -7.73
C LYS A 163 -5.53 0.94 -8.93
N PHE A 164 -6.26 0.28 -9.83
CA PHE A 164 -5.62 -0.23 -11.04
C PHE A 164 -5.08 0.91 -11.89
N ASP A 165 -5.87 1.97 -12.08
N ASP A 165 -5.87 1.96 -12.08
CA ASP A 165 -5.41 3.12 -12.85
CA ASP A 165 -5.42 3.12 -12.84
C ASP A 165 -4.11 3.66 -12.28
C ASP A 165 -4.11 3.66 -12.28
N PHE A 166 -4.04 3.84 -10.96
CA PHE A 166 -2.80 4.28 -10.34
C PHE A 166 -1.68 3.26 -10.59
N ALA A 167 -1.96 1.98 -10.34
CA ALA A 167 -0.89 0.97 -10.38
C ALA A 167 -0.27 0.85 -11.77
N MET A 168 -1.09 0.92 -12.83
CA MET A 168 -0.56 0.77 -14.18
C MET A 168 0.45 1.88 -14.48
N LYS A 169 0.14 3.12 -14.10
CA LYS A 169 1.09 4.21 -14.29
C LYS A 169 2.29 4.07 -13.36
N PHE A 170 2.05 3.72 -12.10
CA PHE A 170 3.14 3.53 -11.16
C PHE A 170 4.06 2.40 -11.61
N ASN A 171 3.48 1.26 -12.03
CA ASN A 171 4.30 0.16 -12.49
C ASN A 171 5.07 0.50 -13.76
N ALA A 172 4.53 1.42 -14.57
CA ALA A 172 5.25 1.85 -15.75
C ALA A 172 6.59 2.49 -15.40
N LEU A 173 6.75 2.99 -14.17
CA LEU A 173 8.02 3.56 -13.75
C LEU A 173 9.10 2.49 -13.56
N GLU A 174 8.70 1.22 -13.48
CA GLU A 174 9.65 0.11 -13.40
C GLU A 174 10.57 0.26 -12.18
N LEU A 175 9.98 0.61 -11.04
CA LEU A 175 10.73 0.56 -9.79
C LEU A 175 10.96 -0.89 -9.37
N ASP A 176 12.05 -1.11 -8.64
CA ASP A 176 12.27 -2.40 -8.01
C ASP A 176 12.08 -2.25 -6.50
N ASP A 177 12.18 -3.38 -5.80
CA ASP A 177 11.94 -3.39 -4.37
C ASP A 177 12.88 -2.43 -3.63
N SER A 178 14.09 -2.22 -4.14
CA SER A 178 15.01 -1.31 -3.46
C SER A 178 14.53 0.13 -3.54
N ASP A 179 13.89 0.51 -4.65
CA ASP A 179 13.27 1.85 -4.74
C ASP A 179 12.03 1.94 -3.87
N ILE A 180 11.17 0.92 -3.94
CA ILE A 180 9.87 0.98 -3.28
C ILE A 180 10.04 1.07 -1.78
N SER A 181 10.96 0.28 -1.21
CA SER A 181 11.19 0.38 0.24
C SER A 181 11.49 1.82 0.64
N LEU A 182 12.33 2.51 -0.14
CA LEU A 182 12.62 3.91 0.17
C LEU A 182 11.40 4.79 -0.05
N PHE A 183 10.65 4.53 -1.12
CA PHE A 183 9.44 5.29 -1.37
C PHE A 183 8.45 5.15 -0.22
N VAL A 184 8.28 3.91 0.28
CA VAL A 184 7.36 3.69 1.40
C VAL A 184 7.87 4.38 2.66
N ALA A 185 9.19 4.30 2.90
CA ALA A 185 9.75 5.04 4.02
C ALA A 185 9.47 6.54 3.88
N ALA A 186 9.67 7.08 2.68
CA ALA A 186 9.40 8.49 2.44
C ALA A 186 7.93 8.83 2.74
N ILE A 187 7.01 7.98 2.29
CA ILE A 187 5.59 8.18 2.58
C ILE A 187 5.38 8.36 4.07
N ILE A 188 5.97 7.47 4.87
CA ILE A 188 5.74 7.48 6.31
C ILE A 188 6.30 8.74 6.95
N CYS A 189 7.37 9.31 6.37
CA CYS A 189 8.08 10.45 6.95
C CYS A 189 7.50 11.82 6.58
N CYS A 190 6.27 11.91 6.05
CA CYS A 190 5.73 13.21 5.67
C CYS A 190 5.54 14.10 6.89
N GLY A 191 6.26 15.22 6.92
CA GLY A 191 6.21 16.12 8.06
C GLY A 191 4.99 17.01 8.14
N ASP A 192 4.10 16.97 7.14
CA ASP A 192 2.92 17.81 7.10
C ASP A 192 1.65 17.06 7.48
N ARG A 193 1.77 16.01 8.30
CA ARG A 193 0.55 15.32 8.74
C ARG A 193 -0.11 16.10 9.88
N PRO A 194 -1.44 16.14 9.94
CA PRO A 194 -2.10 16.93 10.99
C PRO A 194 -1.80 16.38 12.37
N GLY A 195 -1.62 17.30 13.32
CA GLY A 195 -1.48 16.95 14.72
C GLY A 195 -0.10 16.53 15.17
N LEU A 196 0.92 16.72 14.33
CA LEU A 196 2.27 16.32 14.71
C LEU A 196 2.84 17.29 15.74
N LEU A 197 3.31 16.74 16.86
CA LEU A 197 3.80 17.55 17.97
C LEU A 197 5.19 18.10 17.69
N ASN A 198 6.12 17.23 17.32
CA ASN A 198 7.51 17.61 17.10
C ASN A 198 7.80 17.70 15.60
N VAL A 199 7.13 18.67 14.97
CA VAL A 199 7.19 18.79 13.51
C VAL A 199 8.61 18.99 13.04
N GLY A 200 9.42 19.74 13.81
CA GLY A 200 10.77 20.04 13.37
C GLY A 200 11.64 18.81 13.25
N HIS A 201 11.58 17.92 14.25
CA HIS A 201 12.37 16.70 14.19
C HIS A 201 11.89 15.78 13.06
N ILE A 202 10.59 15.73 12.83
CA ILE A 202 10.06 14.88 11.77
C ILE A 202 10.53 15.37 10.40
N GLU A 203 10.57 16.69 10.20
CA GLU A 203 11.06 17.22 8.94
C GLU A 203 12.53 16.86 8.71
N LYS A 204 13.33 16.85 9.78
CA LYS A 204 14.71 16.41 9.63
C LYS A 204 14.78 14.93 9.27
N MET A 205 13.95 14.11 9.91
CA MET A 205 13.86 12.69 9.55
C MET A 205 13.46 12.53 8.09
N GLN A 206 12.42 13.25 7.67
CA GLN A 206 11.96 13.18 6.29
C GLN A 206 13.06 13.59 5.32
N GLU A 207 13.68 14.74 5.58
CA GLU A 207 14.76 15.22 4.72
C GLU A 207 15.84 14.15 4.55
N GLY A 208 16.14 13.42 5.61
CA GLY A 208 17.15 12.37 5.51
C GLY A 208 16.73 11.23 4.60
N ILE A 209 15.48 10.75 4.77
CA ILE A 209 14.99 9.65 3.94
C ILE A 209 14.84 10.10 2.49
N VAL A 210 14.21 11.26 2.27
CA VAL A 210 14.07 11.76 0.91
C VAL A 210 15.43 11.97 0.28
N HIS A 211 16.42 12.41 1.08
CA HIS A 211 17.78 12.55 0.57
C HIS A 211 18.31 11.21 0.09
N VAL A 212 18.10 10.15 0.88
CA VAL A 212 18.54 8.81 0.47
C VAL A 212 17.77 8.34 -0.75
N LEU A 213 16.46 8.56 -0.76
CA LEU A 213 15.65 8.19 -1.93
C LEU A 213 16.16 8.89 -3.18
N ARG A 214 16.41 10.19 -3.09
CA ARG A 214 16.87 10.93 -4.26
C ARG A 214 18.18 10.35 -4.80
N LEU A 215 19.16 10.16 -3.94
CA LEU A 215 20.45 9.64 -4.43
C LEU A 215 20.31 8.21 -4.94
N HIS A 216 19.52 7.38 -4.27
CA HIS A 216 19.36 5.99 -4.70
C HIS A 216 18.76 5.92 -6.09
N LEU A 217 17.73 6.73 -6.36
CA LEU A 217 17.11 6.73 -7.68
C LEU A 217 18.11 7.10 -8.76
N GLN A 218 18.95 8.11 -8.50
CA GLN A 218 20.00 8.47 -9.46
C GLN A 218 20.93 7.29 -9.72
N SER A 219 21.34 6.59 -8.67
CA SER A 219 22.20 5.41 -8.85
C SER A 219 21.47 4.30 -9.59
N ASN A 220 20.27 3.95 -9.14
CA ASN A 220 19.58 2.78 -9.65
C ASN A 220 18.91 3.00 -11.01
N HIS A 221 18.58 4.24 -11.36
CA HIS A 221 17.83 4.54 -12.58
C HIS A 221 18.48 5.68 -13.37
N PRO A 222 19.72 5.49 -13.80
CA PRO A 222 20.38 6.56 -14.58
C PRO A 222 19.68 6.87 -15.89
N ASP A 223 18.82 5.96 -16.37
CA ASP A 223 18.09 6.15 -17.61
C ASP A 223 16.91 7.11 -17.48
N ASP A 224 16.58 7.55 -16.26
CA ASP A 224 15.41 8.41 -16.02
C ASP A 224 15.74 9.32 -14.84
N ILE A 225 16.43 10.43 -15.12
CA ILE A 225 16.84 11.33 -14.05
C ILE A 225 15.68 12.10 -13.46
N PHE A 226 14.50 12.05 -14.10
CA PHE A 226 13.32 12.74 -13.60
C PHE A 226 12.45 11.83 -12.75
N LEU A 227 12.95 10.63 -12.40
CA LEU A 227 12.15 9.69 -11.62
C LEU A 227 11.79 10.26 -10.25
N PHE A 228 12.70 11.03 -9.65
CA PHE A 228 12.42 11.58 -8.31
C PHE A 228 11.24 12.55 -8.32
N PRO A 229 11.18 13.56 -9.18
CA PRO A 229 9.98 14.40 -9.21
C PRO A 229 8.74 13.64 -9.65
N LYS A 230 8.87 12.65 -10.54
CA LYS A 230 7.72 11.80 -10.85
C LYS A 230 7.18 11.12 -9.61
N LEU A 231 8.08 10.66 -8.72
CA LEU A 231 7.64 9.93 -7.54
C LEU A 231 7.04 10.86 -6.48
N LEU A 232 7.55 12.09 -6.38
CA LEU A 232 6.89 13.07 -5.51
C LEU A 232 5.45 13.29 -5.94
N GLN A 233 5.22 13.35 -7.25
CA GLN A 233 3.86 13.51 -7.75
C GLN A 233 3.00 12.28 -7.47
N LYS A 234 3.60 11.08 -7.53
CA LYS A 234 2.84 9.89 -7.15
C LYS A 234 2.47 9.90 -5.68
N MET A 235 3.32 10.46 -4.81
CA MET A 235 2.96 10.61 -3.40
C MET A 235 1.72 11.48 -3.25
N ALA A 236 1.67 12.60 -3.98
CA ALA A 236 0.49 13.45 -3.94
C ALA A 236 -0.73 12.73 -4.51
N ASP A 237 -0.54 11.98 -5.60
CA ASP A 237 -1.63 11.19 -6.15
C ASP A 237 -2.15 10.18 -5.12
N LEU A 238 -1.23 9.50 -4.42
CA LEU A 238 -1.65 8.52 -3.42
C LEU A 238 -2.47 9.18 -2.31
N ARG A 239 -2.06 10.37 -1.88
CA ARG A 239 -2.80 11.06 -0.84
C ARG A 239 -4.24 11.31 -1.27
N GLN A 240 -4.44 11.73 -2.53
N GLN A 240 -4.44 11.74 -2.52
CA GLN A 240 -5.79 11.94 -3.03
CA GLN A 240 -5.80 11.94 -3.01
C GLN A 240 -6.52 10.62 -3.22
C GLN A 240 -6.52 10.61 -3.18
N LEU A 241 -5.81 9.58 -3.66
CA LEU A 241 -6.42 8.27 -3.80
C LEU A 241 -6.93 7.75 -2.46
N VAL A 242 -6.16 7.99 -1.39
CA VAL A 242 -6.57 7.52 -0.06
C VAL A 242 -7.77 8.31 0.43
N THR A 243 -7.77 9.63 0.23
CA THR A 243 -8.91 10.44 0.67
C THR A 243 -10.18 9.96 0.00
N GLU A 244 -10.13 9.68 -1.30
CA GLU A 244 -11.31 9.21 -2.01
C GLU A 244 -11.69 7.80 -1.58
N HIS A 245 -10.70 6.95 -1.31
CA HIS A 245 -10.99 5.60 -0.83
C HIS A 245 -11.73 5.64 0.50
N ALA A 246 -11.22 6.45 1.44
CA ALA A 246 -11.85 6.53 2.76
C ALA A 246 -13.29 7.01 2.64
N GLN A 247 -13.55 7.94 1.70
CA GLN A 247 -14.92 8.40 1.51
C GLN A 247 -15.80 7.26 1.02
N LEU A 248 -15.32 6.46 0.08
CA LEU A 248 -16.12 5.34 -0.42
C LEU A 248 -16.31 4.28 0.65
N VAL A 249 -15.28 4.03 1.47
CA VAL A 249 -15.41 3.09 2.58
C VAL A 249 -16.48 3.58 3.55
N GLN A 250 -16.45 4.87 3.88
CA GLN A 250 -17.47 5.43 4.78
C GLN A 250 -18.87 5.28 4.21
N ILE A 251 -19.04 5.58 2.92
CA ILE A 251 -20.35 5.46 2.30
C ILE A 251 -20.84 4.01 2.34
N ILE A 252 -19.95 3.07 2.07
CA ILE A 252 -20.32 1.66 2.15
C ILE A 252 -20.63 1.27 3.61
N LYS A 253 -19.92 1.87 4.55
CA LYS A 253 -20.16 1.57 5.96
C LYS A 253 -21.56 2.01 6.38
N LYS A 254 -21.95 3.23 6.02
CA LYS A 254 -23.23 3.77 6.46
C LYS A 254 -24.40 3.13 5.72
N THR A 255 -24.39 3.17 4.40
CA THR A 255 -25.28 2.31 3.64
C THR A 255 -24.79 0.86 3.80
N GLU A 256 -25.45 -0.07 3.11
CA GLU A 256 -25.00 -1.46 3.15
C GLU A 256 -24.99 -2.01 4.57
N SER A 257 -26.06 -2.72 4.95
CA SER A 257 -26.23 -3.12 6.34
C SER A 257 -25.30 -4.26 6.76
N ASP A 258 -24.78 -5.04 5.80
CA ASP A 258 -23.91 -6.16 6.12
C ASP A 258 -22.42 -5.81 6.10
N ALA A 259 -22.07 -4.61 5.65
CA ALA A 259 -20.67 -4.20 5.56
C ALA A 259 -20.22 -3.67 6.92
N ALA A 260 -19.32 -4.41 7.57
CA ALA A 260 -18.71 -4.00 8.82
C ALA A 260 -17.27 -3.62 8.59
N LEU A 261 -16.73 -2.80 9.48
CA LEU A 261 -15.36 -2.30 9.37
C LEU A 261 -14.56 -2.79 10.58
N HIS A 262 -13.42 -3.40 10.32
CA HIS A 262 -12.56 -3.90 11.38
C HIS A 262 -12.18 -2.76 12.33
N PRO A 263 -12.24 -2.99 13.65
CA PRO A 263 -12.01 -1.88 14.59
C PRO A 263 -10.65 -1.21 14.46
N LEU A 264 -9.60 -1.95 14.11
CA LEU A 264 -8.29 -1.33 13.92
C LEU A 264 -8.32 -0.34 12.75
N LEU A 265 -9.04 -0.70 11.67
CA LEU A 265 -9.11 0.18 10.51
C LEU A 265 -10.00 1.39 10.78
N GLN A 266 -11.11 1.18 11.50
CA GLN A 266 -11.94 2.29 11.93
C GLN A 266 -11.11 3.35 12.65
N GLU A 267 -10.28 2.92 13.61
CA GLU A 267 -9.46 3.87 14.34
C GLU A 267 -8.48 4.59 13.43
N ILE A 268 -8.02 3.94 12.36
CA ILE A 268 -7.17 4.60 11.39
C ILE A 268 -7.94 5.70 10.66
N TYR A 269 -9.15 5.39 10.19
CA TYR A 269 -9.95 6.36 9.46
C TYR A 269 -10.49 7.47 10.36
N ARG A 270 -10.64 7.21 11.66
CA ARG A 270 -11.31 8.17 12.54
C ARG A 270 -10.53 9.47 12.60
N ASP A 271 -11.21 10.58 12.30
CA ASP A 271 -10.63 11.91 12.35
C ASP A 271 -9.44 12.07 11.40
N MET A 272 -9.39 11.24 10.36
CA MET A 272 -8.33 11.33 9.37
C MET A 272 -8.64 12.44 8.36
N TYR A 273 -9.55 12.16 7.44
CA TYR A 273 -9.92 13.13 6.40
C TYR A 273 -11.39 13.52 6.52
#